data_1SCL
#
_entry.id   1SCL
#
_cell.length_a   1.000
_cell.length_b   1.000
_cell.length_c   1.000
_cell.angle_alpha   90.00
_cell.angle_beta   90.00
_cell.angle_gamma   90.00
#
_symmetry.space_group_name_H-M   'P 1'
#
_entity_poly.entity_id   1
_entity_poly.type   'polyribonucleotide'
_entity_poly.pdbx_seq_one_letter_code
;GGGUGCUCAGUACGAGAGGAACCGCACCC
;
_entity_poly.pdbx_strand_id   A
#